data_9DRO
#
_entry.id   9DRO
#
_cell.length_a   47.107
_cell.length_b   74.583
_cell.length_c   73.555
_cell.angle_alpha   90.00
_cell.angle_beta   90.95
_cell.angle_gamma   90.00
#
_symmetry.space_group_name_H-M   'P 1 21 1'
#
loop_
_entity.id
_entity.type
_entity.pdbx_description
1 polymer 'Uncharacterized hydrolase SAUSA300_2518'
2 non-polymer 'methyl 2-formyl-2-phenylhydrazine-1-carboxylate'
3 non-polymer 'MAGNESIUM ION'
4 water water
#
_entity_poly.entity_id   1
_entity_poly.type   'polypeptide(L)'
_entity_poly.pdbx_seq_one_letter_code
;GPGMETLELQGAKLRYHQVGQGPVLIFIPGANGTGDIFLPLAEQLKDHFTVVAVDRRDYGESELTEPLPDSASNPDSDYR
VKRDAQDIAELAKSLSDEPVYILGSSSGSIVAMHVLKDYPEVVKKIAFHEPPINTFLPDSTYWKDKNDDIVHQILTEGLE
KGMKTFGETLNIAPIDAKMMSQPADTEEGRIEQYKRTMFWLEFEIRQYTHSNITLDDFTKYSDKITLLNGTDSRGSFPQD
VNFYINKETGIPIVDIPGGHLGYIQKPEGFADVLLNMWG
;
_entity_poly.pdbx_strand_id   A,B
#
loop_
_chem_comp.id
_chem_comp.type
_chem_comp.name
_chem_comp.formula
A1BA1 non-polymer 'methyl 2-formyl-2-phenylhydrazine-1-carboxylate' 'C9 H10 N2 O3'
MG non-polymer 'MAGNESIUM ION' 'Mg 2'
#
# COMPACT_ATOMS: atom_id res chain seq x y z
N GLY A 3 -1.06 26.12 4.19
CA GLY A 3 -1.77 27.04 5.12
C GLY A 3 -2.18 26.35 6.42
N MET A 4 -1.99 25.03 6.46
CA MET A 4 -2.04 24.29 7.70
C MET A 4 -0.76 24.58 8.48
N GLU A 5 -0.83 24.44 9.79
CA GLU A 5 0.35 24.58 10.66
C GLU A 5 1.17 23.29 10.65
N THR A 6 2.46 23.40 10.96
CA THR A 6 3.36 22.26 10.91
C THR A 6 4.19 22.18 12.19
N LEU A 7 4.24 20.99 12.79
CA LEU A 7 5.17 20.68 13.87
C LEU A 7 6.06 19.54 13.38
N GLU A 8 7.37 19.80 13.32
CA GLU A 8 8.31 18.79 12.88
C GLU A 8 8.70 17.90 14.05
N LEU A 9 8.44 16.60 13.92
CA LEU A 9 8.63 15.61 14.97
C LEU A 9 9.55 14.53 14.42
N GLN A 10 9.98 13.63 15.30
CA GLN A 10 10.83 12.54 14.86
C GLN A 10 10.08 11.68 13.85
N GLY A 11 10.59 11.62 12.63
CA GLY A 11 10.00 10.79 11.60
C GLY A 11 8.81 11.36 10.88
N ALA A 12 8.37 12.58 11.17
CA ALA A 12 7.21 13.10 10.47
C ALA A 12 7.13 14.62 10.59
N LYS A 13 6.48 15.22 9.61
CA LYS A 13 5.95 16.58 9.71
C LYS A 13 4.46 16.47 9.97
N LEU A 14 4.05 16.86 11.18
CA LEU A 14 2.67 16.76 11.61
C LEU A 14 1.96 18.07 11.22
N ARG A 15 0.92 17.96 10.42
CA ARG A 15 0.14 19.12 10.00
C ARG A 15 -1.16 19.17 10.79
N TYR A 16 -1.59 20.40 11.13
CA TYR A 16 -2.81 20.59 11.90
C TYR A 16 -3.46 21.91 11.55
N HIS A 17 -4.76 21.99 11.77
CA HIS A 17 -5.52 23.22 11.70
C HIS A 17 -5.56 23.86 13.08
N GLN A 18 -5.55 25.19 13.11
CA GLN A 18 -5.63 25.96 14.35
C GLN A 18 -6.55 27.15 14.14
N VAL A 19 -7.60 27.24 14.97
CA VAL A 19 -8.52 28.37 14.93
C VAL A 19 -8.86 28.77 16.35
N GLY A 20 -9.16 30.04 16.54
CA GLY A 20 -9.75 30.50 17.77
C GLY A 20 -8.72 31.02 18.75
N GLN A 21 -9.22 31.25 19.96
CA GLN A 21 -8.41 31.80 21.03
C GLN A 21 -8.93 31.23 22.33
N GLY A 22 -8.04 31.15 23.32
CA GLY A 22 -8.35 30.53 24.58
C GLY A 22 -7.57 29.25 24.80
N PRO A 23 -7.97 28.49 25.80
CA PRO A 23 -7.27 27.23 26.10
C PRO A 23 -7.27 26.31 24.89
N VAL A 24 -6.21 25.49 24.79
CA VAL A 24 -6.11 24.59 23.66
C VAL A 24 -7.06 23.41 23.80
N LEU A 25 -7.73 23.07 22.70
CA LEU A 25 -8.61 21.90 22.60
C LEU A 25 -8.15 21.14 21.36
N ILE A 26 -7.56 19.96 21.55
CA ILE A 26 -7.07 19.14 20.45
C ILE A 26 -8.09 18.08 20.09
N PHE A 27 -8.45 18.02 18.81
CA PHE A 27 -9.31 16.99 18.26
C PHE A 27 -8.49 15.97 17.48
N ILE A 28 -8.68 14.70 17.81
CA ILE A 28 -7.94 13.58 17.21
C ILE A 28 -8.89 12.77 16.35
N PRO A 29 -8.68 12.70 15.05
CA PRO A 29 -9.59 12.00 14.17
C PRO A 29 -9.45 10.49 14.26
N GLY A 30 -10.55 9.84 13.88
CA GLY A 30 -10.59 8.39 13.68
C GLY A 30 -10.05 7.93 12.34
N ALA A 31 -10.74 6.96 11.75
CA ALA A 31 -10.17 6.25 10.61
C ALA A 31 -9.94 7.14 9.39
N ASN A 32 -10.71 8.23 9.23
CA ASN A 32 -10.43 9.13 8.11
C ASN A 32 -9.06 9.80 8.25
N GLY A 33 -8.58 9.92 9.46
CA GLY A 33 -7.22 10.32 9.75
C GLY A 33 -6.94 11.80 9.71
N THR A 34 -7.91 12.65 9.33
CA THR A 34 -7.62 14.05 9.02
C THR A 34 -8.49 15.00 9.84
N GLY A 35 -7.91 16.15 10.17
CA GLY A 35 -8.60 17.10 11.04
C GLY A 35 -9.68 17.93 10.39
N ASP A 36 -9.76 17.95 9.05
CA ASP A 36 -10.75 18.78 8.39
C ASP A 36 -12.18 18.43 8.83
N ILE A 37 -12.41 17.18 9.24
CA ILE A 37 -13.73 16.74 9.65
C ILE A 37 -14.22 17.47 10.90
N PHE A 38 -13.32 18.11 11.63
CA PHE A 38 -13.68 18.87 12.82
C PHE A 38 -13.84 20.37 12.57
N LEU A 39 -13.66 20.87 11.34
CA LEU A 39 -13.61 22.32 11.16
C LEU A 39 -14.97 22.99 11.39
N PRO A 40 -16.09 22.42 10.91
CA PRO A 40 -17.38 23.04 11.25
C PRO A 40 -17.62 23.09 12.76
N LEU A 41 -17.18 22.08 13.48
CA LEU A 41 -17.30 22.09 14.93
C LEU A 41 -16.39 23.16 15.53
N ALA A 42 -15.16 23.28 15.02
CA ALA A 42 -14.25 24.27 15.56
C ALA A 42 -14.81 25.69 15.45
N GLU A 43 -15.58 25.94 14.39
CA GLU A 43 -16.23 27.24 14.21
C GLU A 43 -17.18 27.58 15.35
N GLN A 44 -17.91 26.57 15.85
CA GLN A 44 -18.82 26.77 16.97
C GLN A 44 -18.07 26.98 18.28
N LEU A 45 -16.82 26.58 18.35
CA LEU A 45 -16.08 26.62 19.60
C LEU A 45 -14.99 27.68 19.64
N LYS A 46 -14.70 28.33 18.51
CA LYS A 46 -13.51 29.16 18.38
C LYS A 46 -13.55 30.40 19.27
N ASP A 47 -14.72 30.74 19.80
CA ASP A 47 -14.81 31.85 20.72
C ASP A 47 -14.33 31.46 22.12
N HIS A 48 -14.25 30.18 22.41
CA HIS A 48 -13.93 29.70 23.76
C HIS A 48 -12.62 28.94 23.84
N PHE A 49 -12.18 28.32 22.76
CA PHE A 49 -10.98 27.51 22.74
C PHE A 49 -10.10 27.88 21.55
N THR A 50 -8.80 27.66 21.70
CA THR A 50 -7.91 27.51 20.55
C THR A 50 -8.07 26.07 20.08
N VAL A 51 -8.83 25.85 19.00
CA VAL A 51 -9.14 24.52 18.52
C VAL A 51 -8.05 24.08 17.55
N VAL A 52 -7.52 22.90 17.80
CA VAL A 52 -6.42 22.30 17.06
C VAL A 52 -6.94 20.98 16.53
N ALA A 53 -7.00 20.83 15.20
CA ALA A 53 -7.51 19.63 14.56
C ALA A 53 -6.38 19.02 13.75
N VAL A 54 -5.95 17.82 14.13
N VAL A 54 -5.97 17.81 14.13
CA VAL A 54 -4.71 17.24 13.65
CA VAL A 54 -4.73 17.20 13.66
C VAL A 54 -4.97 16.27 12.51
C VAL A 54 -4.99 16.27 12.49
N ASP A 55 -4.07 16.27 11.53
CA ASP A 55 -3.93 15.18 10.55
C ASP A 55 -2.93 14.21 11.19
N ARG A 56 -3.38 13.02 11.63
CA ARG A 56 -2.42 12.08 12.19
C ARG A 56 -1.31 11.77 11.16
N ARG A 57 -0.12 11.37 11.64
CA ARG A 57 1.07 11.50 10.79
C ARG A 57 1.05 10.63 9.54
N ASP A 58 0.27 9.56 9.52
CA ASP A 58 0.14 8.71 8.34
C ASP A 58 -0.90 9.18 7.33
N TYR A 59 -1.57 10.32 7.57
CA TYR A 59 -2.73 10.71 6.78
C TYR A 59 -2.70 12.16 6.34
N GLY A 60 -3.48 12.45 5.28
CA GLY A 60 -3.73 13.84 4.92
C GLY A 60 -2.49 14.58 4.47
N GLU A 61 -2.29 15.77 5.05
CA GLU A 61 -1.17 16.64 4.74
C GLU A 61 0.04 16.42 5.64
N SER A 62 -0.08 15.57 6.64
CA SER A 62 1.09 15.15 7.40
C SER A 62 1.94 14.27 6.49
N GLU A 63 3.25 14.26 6.74
CA GLU A 63 4.16 13.52 5.90
C GLU A 63 5.20 12.81 6.74
N LEU A 64 5.35 11.51 6.48
CA LEU A 64 6.48 10.78 7.06
C LEU A 64 7.78 11.20 6.40
N THR A 65 8.82 11.30 7.22
CA THR A 65 10.15 11.59 6.73
C THR A 65 11.03 10.35 6.71
N GLU A 66 10.51 9.21 7.17
CA GLU A 66 11.15 7.92 6.97
C GLU A 66 10.06 6.86 6.95
N PRO A 67 10.32 5.72 6.32
CA PRO A 67 9.25 4.73 6.17
C PRO A 67 8.82 4.17 7.51
N LEU A 68 7.60 3.65 7.56
CA LEU A 68 7.18 2.85 8.70
C LEU A 68 8.14 1.69 8.96
N PRO A 69 8.37 1.33 10.21
CA PRO A 69 9.18 0.14 10.51
C PRO A 69 8.47 -1.09 9.97
N ASP A 70 9.26 -2.12 9.60
CA ASP A 70 8.62 -3.31 9.04
C ASP A 70 7.66 -3.95 10.03
N SER A 71 7.95 -3.86 11.33
CA SER A 71 7.11 -4.49 12.33
C SER A 71 5.73 -3.87 12.42
N ALA A 72 5.50 -2.70 11.82
CA ALA A 72 4.18 -2.10 11.95
C ALA A 72 3.07 -2.91 11.29
N SER A 73 3.40 -3.79 10.33
CA SER A 73 2.38 -4.63 9.75
C SER A 73 1.90 -5.74 10.69
N ASN A 74 2.66 -6.05 11.74
CA ASN A 74 2.24 -7.08 12.69
C ASN A 74 0.99 -6.64 13.40
N PRO A 75 -0.03 -7.49 13.55
CA PRO A 75 -1.25 -7.04 14.23
C PRO A 75 -1.08 -6.76 15.71
N ASP A 76 0.00 -7.21 16.35
CA ASP A 76 0.23 -6.87 17.75
C ASP A 76 1.25 -5.73 17.94
N SER A 77 1.62 -5.04 16.87
CA SER A 77 2.53 -3.91 16.97
C SER A 77 1.90 -2.75 17.75
N ASP A 78 2.66 -2.16 18.67
CA ASP A 78 2.22 -0.94 19.35
C ASP A 78 2.92 0.32 18.82
N TYR A 79 3.69 0.22 17.74
CA TYR A 79 4.47 1.37 17.29
C TYR A 79 3.58 2.54 16.93
N ARG A 80 2.59 2.32 16.06
CA ARG A 80 1.83 3.46 15.56
C ARG A 80 1.00 4.14 16.64
N VAL A 81 0.31 3.36 17.48
CA VAL A 81 -0.58 3.99 18.43
C VAL A 81 0.23 4.80 19.46
N LYS A 82 1.40 4.31 19.85
CA LYS A 82 2.25 5.03 20.78
C LYS A 82 2.85 6.28 20.14
N ARG A 83 3.23 6.19 18.86
CA ARG A 83 3.76 7.34 18.15
C ARG A 83 2.71 8.41 17.93
N ASP A 84 1.46 8.01 17.63
CA ASP A 84 0.37 8.95 17.49
C ASP A 84 0.12 9.68 18.82
N ALA A 85 0.12 8.93 19.93
CA ALA A 85 -0.09 9.55 21.25
C ALA A 85 1.03 10.51 21.56
N GLN A 86 2.29 10.13 21.29
CA GLN A 86 3.38 11.04 21.56
C GLN A 86 3.29 12.30 20.69
N ASP A 87 2.83 12.16 19.44
CA ASP A 87 2.64 13.31 18.58
C ASP A 87 1.69 14.31 19.23
N ILE A 88 0.55 13.81 19.75
CA ILE A 88 -0.40 14.70 20.43
C ILE A 88 0.24 15.36 21.64
N ALA A 89 1.01 14.62 22.44
CA ALA A 89 1.62 15.19 23.62
C ALA A 89 2.62 16.28 23.24
N GLU A 90 3.45 16.01 22.23
CA GLU A 90 4.42 16.99 21.77
C GLU A 90 3.72 18.20 21.19
N LEU A 91 2.62 17.98 20.50
CA LEU A 91 1.84 19.10 19.99
C LEU A 91 1.32 19.96 21.14
N ALA A 92 0.70 19.33 22.13
CA ALA A 92 0.21 20.06 23.29
C ALA A 92 1.30 20.88 23.94
N LYS A 93 2.48 20.27 24.14
CA LYS A 93 3.58 20.99 24.80
C LYS A 93 4.08 22.14 23.96
N SER A 94 3.94 22.04 22.64
CA SER A 94 4.42 23.10 21.76
C SER A 94 3.46 24.29 21.70
N LEU A 95 2.20 24.09 22.12
CA LEU A 95 1.21 25.14 22.02
C LEU A 95 0.81 25.72 23.36
N SER A 96 1.11 25.05 24.46
CA SER A 96 0.56 25.40 25.76
C SER A 96 1.50 25.05 26.88
N ASP A 97 1.66 25.98 27.82
CA ASP A 97 2.40 25.73 29.04
C ASP A 97 1.54 25.08 30.11
N GLU A 98 0.25 24.94 29.85
CA GLU A 98 -0.69 24.28 30.76
C GLU A 98 -1.28 23.05 30.09
N PRO A 99 -1.80 22.10 30.88
CA PRO A 99 -2.48 20.93 30.30
C PRO A 99 -3.71 21.40 29.52
N VAL A 100 -4.02 20.61 28.49
CA VAL A 100 -4.98 20.99 27.47
C VAL A 100 -6.21 20.09 27.51
N TYR A 101 -7.23 20.48 26.75
CA TYR A 101 -8.44 19.69 26.52
C TYR A 101 -8.23 18.82 25.29
N ILE A 102 -8.68 17.56 25.35
CA ILE A 102 -8.48 16.62 24.26
C ILE A 102 -9.77 15.84 24.02
N LEU A 103 -10.17 15.71 22.75
CA LEU A 103 -11.28 14.83 22.40
C LEU A 103 -10.83 13.96 21.23
N GLY A 104 -11.02 12.66 21.35
CA GLY A 104 -10.80 11.74 20.23
C GLY A 104 -12.07 10.98 19.93
N SER A 105 -12.27 10.64 18.66
CA SER A 105 -13.38 9.80 18.24
C SER A 105 -12.87 8.53 17.56
N SER A 106 -13.52 7.40 17.83
CA SER A 106 -13.26 6.14 17.11
C SER A 106 -11.82 5.74 17.39
N SER A 107 -11.00 5.37 16.37
CA SER A 107 -9.62 5.06 16.71
C SER A 107 -8.85 6.26 17.27
N GLY A 108 -9.32 7.49 17.03
CA GLY A 108 -8.70 8.63 17.66
C GLY A 108 -8.97 8.67 19.17
N SER A 109 -10.07 8.08 19.63
N SER A 109 -10.07 8.08 19.61
CA SER A 109 -10.29 7.98 21.07
CA SER A 109 -10.29 7.98 21.06
C SER A 109 -9.30 7.01 21.70
C SER A 109 -9.30 7.01 21.69
N ILE A 110 -8.86 6.00 20.94
CA ILE A 110 -7.82 5.10 21.45
C ILE A 110 -6.49 5.83 21.53
N VAL A 111 -6.15 6.63 20.51
CA VAL A 111 -4.96 7.48 20.66
C VAL A 111 -5.07 8.31 21.93
N ALA A 112 -6.24 8.90 22.18
CA ALA A 112 -6.45 9.74 23.35
C ALA A 112 -6.23 8.97 24.64
N MET A 113 -6.68 7.70 24.67
CA MET A 113 -6.44 6.84 25.84
C MET A 113 -4.96 6.68 26.11
N HIS A 114 -4.16 6.52 25.04
CA HIS A 114 -2.72 6.40 25.23
C HIS A 114 -2.04 7.72 25.60
N VAL A 115 -2.58 8.86 25.17
CA VAL A 115 -2.05 10.13 25.65
C VAL A 115 -2.22 10.23 27.14
N LEU A 116 -3.41 9.89 27.64
CA LEU A 116 -3.63 9.96 29.07
C LEU A 116 -2.74 8.97 29.82
N LYS A 117 -2.52 7.79 29.25
CA LYS A 117 -1.69 6.78 29.91
C LYS A 117 -0.22 7.19 29.94
N ASP A 118 0.31 7.67 28.82
CA ASP A 118 1.74 7.91 28.71
C ASP A 118 2.16 9.34 29.02
N TYR A 119 1.26 10.31 28.89
CA TYR A 119 1.56 11.72 29.08
C TYR A 119 0.44 12.39 29.86
N PRO A 120 0.07 11.86 31.03
CA PRO A 120 -1.05 12.47 31.76
C PRO A 120 -0.83 13.93 32.08
N GLU A 121 0.44 14.36 32.21
CA GLU A 121 0.74 15.75 32.56
C GLU A 121 0.27 16.75 31.50
N VAL A 122 0.02 16.32 30.26
CA VAL A 122 -0.48 17.25 29.25
C VAL A 122 -2.01 17.34 29.22
N VAL A 123 -2.72 16.53 30.01
CA VAL A 123 -4.18 16.40 29.91
C VAL A 123 -4.86 17.15 31.05
N LYS A 124 -5.63 18.19 30.72
CA LYS A 124 -6.51 18.83 31.68
C LYS A 124 -7.81 18.06 31.80
N LYS A 125 -8.48 17.88 30.68
CA LYS A 125 -9.69 17.09 30.56
C LYS A 125 -9.64 16.35 29.23
N ILE A 126 -10.33 15.23 29.16
CA ILE A 126 -10.32 14.40 27.97
C ILE A 126 -11.68 13.74 27.80
N ALA A 127 -12.05 13.54 26.52
CA ALA A 127 -13.31 12.88 26.18
C ALA A 127 -13.05 11.80 25.14
N PHE A 128 -13.67 10.66 25.38
CA PHE A 128 -13.55 9.49 24.52
C PHE A 128 -14.92 9.31 23.85
N HIS A 129 -15.01 9.67 22.58
CA HIS A 129 -16.24 9.57 21.79
C HIS A 129 -16.24 8.24 21.07
N GLU A 130 -17.14 7.36 21.47
CA GLU A 130 -17.44 6.08 20.81
C GLU A 130 -16.18 5.29 20.51
N PRO A 131 -15.52 4.81 21.55
CA PRO A 131 -14.25 4.06 21.40
C PRO A 131 -14.51 2.62 21.00
N PRO A 132 -13.73 2.07 20.07
CA PRO A 132 -13.93 0.68 19.64
C PRO A 132 -12.89 -0.27 20.22
N ILE A 133 -12.17 0.15 21.24
CA ILE A 133 -11.20 -0.71 21.89
C ILE A 133 -11.91 -1.87 22.60
N ASN A 134 -11.29 -3.05 22.54
CA ASN A 134 -11.86 -4.25 23.12
C ASN A 134 -11.00 -4.89 24.21
N THR A 135 -9.78 -4.39 24.46
CA THR A 135 -8.81 -5.21 25.19
C THR A 135 -9.29 -5.58 26.60
N PHE A 136 -9.95 -4.65 27.30
CA PHE A 136 -10.35 -4.81 28.69
C PHE A 136 -11.78 -5.34 28.83
N LEU A 137 -12.43 -5.70 27.75
CA LEU A 137 -13.79 -6.19 27.82
C LEU A 137 -13.81 -7.65 28.26
N PRO A 138 -14.87 -8.07 28.95
N PRO A 138 -14.90 -8.08 28.90
CA PRO A 138 -15.00 -9.51 29.28
CA PRO A 138 -15.00 -9.51 29.27
C PRO A 138 -15.00 -10.39 28.04
C PRO A 138 -15.07 -10.42 28.06
N ASP A 139 -15.58 -9.91 26.93
CA ASP A 139 -15.65 -10.63 25.66
C ASP A 139 -14.65 -10.08 24.65
N SER A 140 -13.50 -9.63 25.14
N SER A 140 -13.48 -9.66 25.13
CA SER A 140 -12.47 -9.12 24.25
CA SER A 140 -12.47 -9.12 24.25
C SER A 140 -12.15 -10.10 23.12
C SER A 140 -12.11 -10.10 23.13
N THR A 141 -11.97 -11.39 23.44
CA THR A 141 -11.59 -12.37 22.43
C THR A 141 -12.57 -12.40 21.26
N TYR A 142 -13.87 -12.32 21.52
CA TYR A 142 -14.83 -12.36 20.42
C TYR A 142 -14.59 -11.22 19.45
N TRP A 143 -14.40 -10.00 19.98
CA TRP A 143 -14.25 -8.80 19.16
C TRP A 143 -12.89 -8.79 18.46
N LYS A 144 -11.83 -9.23 19.17
CA LYS A 144 -10.52 -9.36 18.56
C LYS A 144 -10.57 -10.32 17.38
N ASP A 145 -11.15 -11.50 17.60
CA ASP A 145 -11.22 -12.49 16.54
C ASP A 145 -12.02 -11.99 15.35
N LYS A 146 -13.10 -11.25 15.59
CA LYS A 146 -13.87 -10.69 14.50
C LYS A 146 -13.04 -9.70 13.69
N ASN A 147 -12.28 -8.86 14.37
CA ASN A 147 -11.39 -7.94 13.64
C ASN A 147 -10.35 -8.70 12.84
N ASP A 148 -9.72 -9.71 13.48
CA ASP A 148 -8.67 -10.46 12.80
C ASP A 148 -9.23 -11.15 11.58
N ASP A 149 -10.44 -11.69 11.71
CA ASP A 149 -11.00 -12.47 10.62
C ASP A 149 -11.44 -11.59 9.45
N ILE A 150 -11.98 -10.39 9.73
CA ILE A 150 -12.39 -9.53 8.63
C ILE A 150 -11.17 -9.01 7.89
N VAL A 151 -10.11 -8.65 8.60
CA VAL A 151 -8.89 -8.20 7.94
C VAL A 151 -8.30 -9.35 7.13
N HIS A 152 -8.25 -10.54 7.70
CA HIS A 152 -7.69 -11.67 6.97
C HIS A 152 -8.46 -11.91 5.68
N GLN A 153 -9.79 -11.85 5.77
CA GLN A 153 -10.61 -12.14 4.60
C GLN A 153 -10.35 -11.11 3.51
N ILE A 154 -10.31 -9.83 3.88
CA ILE A 154 -10.14 -8.77 2.91
C ILE A 154 -8.74 -8.84 2.29
N LEU A 155 -7.71 -8.92 3.14
CA LEU A 155 -6.34 -8.80 2.65
C LEU A 155 -5.84 -10.06 1.99
N THR A 156 -6.16 -11.22 2.56
CA THR A 156 -5.55 -12.48 2.15
C THR A 156 -6.44 -13.22 1.16
N GLU A 157 -7.67 -13.53 1.55
CA GLU A 157 -8.54 -14.33 0.70
C GLU A 157 -8.83 -13.61 -0.61
N GLY A 158 -9.12 -12.31 -0.55
CA GLY A 158 -9.37 -11.58 -1.77
C GLY A 158 -8.18 -11.60 -2.71
N LEU A 159 -6.98 -11.46 -2.16
CA LEU A 159 -5.78 -11.52 -2.99
C LEU A 159 -5.60 -12.91 -3.58
N GLU A 160 -5.63 -13.94 -2.73
CA GLU A 160 -5.45 -15.31 -3.19
C GLU A 160 -6.41 -15.65 -4.33
N LYS A 161 -7.67 -15.26 -4.21
CA LYS A 161 -8.66 -15.68 -5.22
C LYS A 161 -8.48 -14.91 -6.52
N GLY A 162 -8.13 -13.63 -6.43
CA GLY A 162 -7.93 -12.86 -7.65
C GLY A 162 -6.65 -13.24 -8.38
N MET A 163 -5.64 -13.68 -7.64
CA MET A 163 -4.43 -14.17 -8.32
C MET A 163 -4.73 -15.47 -9.05
N LYS A 164 -5.55 -16.33 -8.46
CA LYS A 164 -5.94 -17.56 -9.17
C LYS A 164 -6.70 -17.20 -10.44
N THR A 165 -7.64 -16.25 -10.36
CA THR A 165 -8.35 -15.79 -11.56
C THR A 165 -7.37 -15.25 -12.59
N PHE A 166 -6.40 -14.43 -12.15
CA PHE A 166 -5.44 -13.90 -13.09
C PHE A 166 -4.70 -15.03 -13.78
N GLY A 167 -4.28 -16.04 -13.01
CA GLY A 167 -3.61 -17.18 -13.61
C GLY A 167 -4.48 -17.89 -14.64
N GLU A 168 -5.75 -18.15 -14.29
CA GLU A 168 -6.66 -18.81 -15.23
C GLU A 168 -6.92 -17.95 -16.47
N THR A 169 -7.07 -16.62 -16.28
CA THR A 169 -7.35 -15.75 -17.41
C THR A 169 -6.23 -15.80 -18.45
N LEU A 170 -4.98 -15.88 -18.00
CA LEU A 170 -3.84 -15.93 -18.90
C LEU A 170 -3.48 -17.35 -19.35
N ASN A 171 -4.24 -18.36 -18.91
CA ASN A 171 -3.97 -19.78 -19.20
C ASN A 171 -2.53 -20.17 -18.86
N ILE A 172 -2.11 -19.83 -17.63
CA ILE A 172 -0.78 -20.19 -17.17
C ILE A 172 -0.68 -21.70 -16.98
N ALA A 173 0.50 -22.26 -17.27
CA ALA A 173 0.69 -23.71 -17.16
C ALA A 173 0.84 -24.16 -15.71
N PRO A 174 0.46 -25.40 -15.39
CA PRO A 174 0.55 -25.86 -13.99
C PRO A 174 1.91 -25.71 -13.35
N ILE A 175 2.99 -25.98 -14.09
CA ILE A 175 4.33 -25.88 -13.50
C ILE A 175 4.61 -24.45 -13.07
N ASP A 176 4.13 -23.46 -13.84
CA ASP A 176 4.33 -22.08 -13.43
C ASP A 176 3.38 -21.69 -12.30
N ALA A 177 2.10 -22.06 -12.41
CA ALA A 177 1.15 -21.80 -11.34
C ALA A 177 1.64 -22.34 -10.01
N LYS A 178 2.17 -23.56 -10.00
CA LYS A 178 2.60 -24.17 -8.75
C LYS A 178 3.78 -23.44 -8.14
N MET A 179 4.64 -22.86 -8.97
CA MET A 179 5.86 -22.21 -8.50
C MET A 179 5.62 -20.75 -8.13
N MET A 180 4.77 -20.06 -8.89
CA MET A 180 4.51 -18.65 -8.62
C MET A 180 3.76 -18.43 -7.32
N SER A 181 3.05 -19.44 -6.83
CA SER A 181 2.25 -19.34 -5.63
C SER A 181 2.86 -20.04 -4.43
N GLN A 182 3.99 -20.72 -4.60
CA GLN A 182 4.71 -21.34 -3.50
C GLN A 182 4.94 -20.30 -2.39
N PRO A 183 4.35 -20.47 -1.21
CA PRO A 183 4.71 -19.57 -0.10
C PRO A 183 6.20 -19.64 0.22
N ALA A 184 6.79 -18.49 0.53
CA ALA A 184 8.18 -18.43 0.91
C ALA A 184 8.43 -19.24 2.18
N ASP A 185 9.68 -19.63 2.37
CA ASP A 185 10.04 -20.49 3.51
C ASP A 185 9.96 -19.73 4.84
N THR A 186 10.61 -18.57 4.92
CA THR A 186 10.60 -17.81 6.16
C THR A 186 9.30 -17.04 6.32
N GLU A 187 9.12 -16.44 7.49
CA GLU A 187 8.00 -15.53 7.71
C GLU A 187 8.31 -14.14 7.17
N GLU A 188 9.59 -13.76 7.15
CA GLU A 188 9.98 -12.52 6.49
C GLU A 188 9.67 -12.57 4.99
N GLY A 189 9.93 -13.72 4.37
CA GLY A 189 9.69 -13.83 2.93
C GLY A 189 8.22 -13.91 2.57
N ARG A 190 7.40 -14.48 3.46
CA ARG A 190 5.96 -14.52 3.21
C ARG A 190 5.37 -13.12 3.21
N ILE A 191 5.80 -12.27 4.14
CA ILE A 191 5.24 -10.93 4.23
C ILE A 191 5.74 -10.05 3.09
N GLU A 192 7.04 -10.13 2.78
CA GLU A 192 7.55 -9.38 1.63
C GLU A 192 6.85 -9.81 0.35
N GLN A 193 6.62 -11.11 0.20
CA GLN A 193 5.93 -11.61 -0.99
C GLN A 193 4.52 -11.01 -1.09
N TYR A 194 3.82 -10.91 0.03
CA TYR A 194 2.52 -10.25 0.01
C TYR A 194 2.66 -8.79 -0.41
N LYS A 195 3.61 -8.07 0.19
CA LYS A 195 3.78 -6.66 -0.15
C LYS A 195 4.13 -6.47 -1.63
N ARG A 196 4.98 -7.36 -2.18
CA ARG A 196 5.38 -7.23 -3.58
C ARG A 196 4.20 -7.51 -4.50
N THR A 197 3.36 -8.48 -4.14
CA THR A 197 2.20 -8.79 -4.97
C THR A 197 1.23 -7.61 -4.97
N MET A 198 0.93 -7.05 -3.80
CA MET A 198 0.04 -5.89 -3.72
C MET A 198 0.61 -4.70 -4.46
N PHE A 199 1.93 -4.53 -4.40
CA PHE A 199 2.53 -3.42 -5.16
C PHE A 199 2.40 -3.64 -6.66
N TRP A 200 2.80 -4.80 -7.15
CA TRP A 200 2.66 -5.12 -8.56
C TRP A 200 1.23 -4.93 -9.02
N LEU A 201 0.28 -5.32 -8.18
CA LEU A 201 -1.14 -5.26 -8.54
C LEU A 201 -1.57 -3.82 -8.77
N GLU A 202 -1.22 -2.93 -7.85
CA GLU A 202 -1.70 -1.55 -7.92
C GLU A 202 -0.87 -0.72 -8.88
N PHE A 203 0.44 -0.97 -8.93
CA PHE A 203 1.38 -0.05 -9.58
C PHE A 203 2.06 -0.57 -10.83
N GLU A 204 1.90 -1.84 -11.21
CA GLU A 204 2.61 -2.40 -12.35
C GLU A 204 1.70 -3.01 -13.41
N ILE A 205 0.83 -3.93 -13.05
CA ILE A 205 0.19 -4.76 -14.08
C ILE A 205 -0.58 -3.90 -15.09
N ARG A 206 -1.47 -3.02 -14.63
CA ARG A 206 -2.25 -2.23 -15.60
C ARG A 206 -1.36 -1.25 -16.37
N GLN A 207 -0.44 -0.58 -15.65
CA GLN A 207 0.38 0.46 -16.23
C GLN A 207 1.34 -0.12 -17.26
N TYR A 208 1.88 -1.29 -17.00
CA TYR A 208 2.90 -1.78 -17.91
C TYR A 208 2.27 -2.51 -19.11
N THR A 209 1.23 -3.32 -18.87
CA THR A 209 0.65 -4.10 -19.95
C THR A 209 -0.15 -3.25 -20.95
N HIS A 210 -0.55 -2.03 -20.60
CA HIS A 210 -1.16 -1.13 -21.57
C HIS A 210 -0.28 0.07 -21.89
N SER A 211 1.03 -0.13 -21.84
CA SER A 211 1.93 0.99 -22.08
C SER A 211 2.17 1.20 -23.57
N ASN A 212 2.86 2.30 -23.89
CA ASN A 212 2.90 2.80 -25.27
C ASN A 212 4.02 2.14 -26.05
N ILE A 213 3.72 0.93 -26.56
CA ILE A 213 4.53 0.18 -27.50
C ILE A 213 3.63 -0.11 -28.71
N THR A 214 4.13 0.17 -29.91
CA THR A 214 3.42 -0.08 -31.16
C THR A 214 4.18 -1.12 -31.97
N LEU A 215 3.49 -1.76 -32.93
CA LEU A 215 4.18 -2.68 -33.85
C LEU A 215 5.32 -1.98 -34.58
N ASP A 216 5.15 -0.71 -34.90
CA ASP A 216 6.17 0.03 -35.62
C ASP A 216 7.44 0.17 -34.80
N ASP A 217 7.34 0.19 -33.46
CA ASP A 217 8.55 0.21 -32.64
C ASP A 217 9.40 -1.04 -32.86
N PHE A 218 8.76 -2.21 -33.03
CA PHE A 218 9.49 -3.46 -33.27
C PHE A 218 10.16 -3.43 -34.63
N THR A 219 9.45 -2.90 -35.64
CA THR A 219 9.97 -2.97 -36.99
C THR A 219 11.22 -2.11 -37.18
N LYS A 220 11.31 -0.99 -36.46
CA LYS A 220 12.44 -0.09 -36.63
C LYS A 220 13.76 -0.77 -36.28
N TYR A 221 13.74 -1.66 -35.29
CA TYR A 221 14.96 -2.31 -34.79
C TYR A 221 14.83 -3.82 -34.87
N SER A 222 14.16 -4.31 -35.90
CA SER A 222 13.81 -5.73 -35.91
C SER A 222 15.03 -6.63 -35.93
N ASP A 223 16.14 -6.18 -36.53
CA ASP A 223 17.36 -6.97 -36.56
C ASP A 223 17.92 -7.26 -35.17
N LYS A 224 17.51 -6.51 -34.16
CA LYS A 224 18.06 -6.69 -32.84
C LYS A 224 17.28 -7.69 -31.98
N ILE A 225 16.07 -8.06 -32.38
CA ILE A 225 15.11 -8.66 -31.46
C ILE A 225 14.94 -10.16 -31.69
N THR A 226 14.88 -10.90 -30.58
CA THR A 226 14.42 -12.29 -30.54
C THR A 226 13.22 -12.39 -29.62
N LEU A 227 12.17 -13.06 -30.07
CA LEU A 227 11.01 -13.38 -29.25
C LEU A 227 11.23 -14.79 -28.71
N LEU A 228 11.03 -14.98 -27.40
CA LEU A 228 11.23 -16.28 -26.77
C LEU A 228 9.91 -16.82 -26.20
N ASN A 229 9.62 -18.08 -26.55
CA ASN A 229 8.47 -18.82 -26.06
C ASN A 229 8.99 -20.06 -25.34
N GLY A 230 8.49 -20.32 -24.14
CA GLY A 230 8.88 -21.51 -23.44
C GLY A 230 8.25 -22.75 -24.05
N THR A 231 8.98 -23.86 -23.99
CA THR A 231 8.43 -25.12 -24.48
C THR A 231 7.38 -25.71 -23.55
N ASP A 232 7.34 -25.29 -22.28
CA ASP A 232 6.43 -25.88 -21.31
C ASP A 232 5.28 -24.95 -20.94
N SER A 233 5.12 -23.84 -21.64
CA SER A 233 4.05 -22.87 -21.40
C SER A 233 3.19 -22.65 -22.65
N ARG A 234 3.15 -23.63 -23.55
CA ARG A 234 2.34 -23.47 -24.74
C ARG A 234 0.87 -23.27 -24.38
N GLY A 235 0.19 -22.44 -25.18
CA GLY A 235 -1.20 -22.12 -24.98
C GLY A 235 -1.45 -20.93 -24.08
N SER A 236 -0.43 -20.37 -23.48
CA SER A 236 -0.65 -19.25 -22.58
C SER A 236 -0.70 -17.94 -23.35
N PHE A 237 -1.31 -16.94 -22.71
CA PHE A 237 -1.48 -15.64 -23.36
C PHE A 237 -0.18 -15.01 -23.84
N PRO A 238 0.91 -14.99 -23.07
CA PRO A 238 2.12 -14.34 -23.57
C PRO A 238 2.63 -14.97 -24.85
N GLN A 239 2.43 -16.27 -25.04
CA GLN A 239 2.87 -16.86 -26.29
C GLN A 239 2.06 -16.32 -27.46
N ASP A 240 0.76 -16.07 -27.25
CA ASP A 240 -0.10 -15.48 -28.28
C ASP A 240 0.36 -14.06 -28.60
N VAL A 241 0.86 -13.32 -27.60
CA VAL A 241 1.45 -12.01 -27.90
C VAL A 241 2.63 -12.15 -28.83
N ASN A 242 3.55 -13.08 -28.54
CA ASN A 242 4.69 -13.27 -29.43
C ASN A 242 4.25 -13.74 -30.83
N PHE A 243 3.24 -14.61 -30.93
CA PHE A 243 2.74 -15.02 -32.26
C PHE A 243 2.19 -13.83 -33.04
N TYR A 244 1.53 -12.90 -32.36
CA TYR A 244 1.00 -11.72 -33.06
C TYR A 244 2.15 -10.82 -33.53
N ILE A 245 3.14 -10.57 -32.67
CA ILE A 245 4.28 -9.78 -33.10
C ILE A 245 4.91 -10.44 -34.33
N ASN A 246 5.19 -11.76 -34.24
CA ASN A 246 5.78 -12.45 -35.39
C ASN A 246 4.93 -12.30 -36.63
N LYS A 247 3.61 -12.45 -36.51
CA LYS A 247 2.74 -12.39 -37.67
C LYS A 247 2.86 -11.05 -38.38
N GLU A 248 2.95 -9.98 -37.62
CA GLU A 248 2.88 -8.64 -38.20
C GLU A 248 4.24 -8.03 -38.49
N THR A 249 5.33 -8.60 -37.98
CA THR A 249 6.65 -8.05 -38.17
C THR A 249 7.66 -8.98 -38.80
N GLY A 250 7.42 -10.29 -38.78
CA GLY A 250 8.41 -11.24 -39.24
C GLY A 250 9.56 -11.50 -38.29
N ILE A 251 9.53 -10.92 -37.10
CA ILE A 251 10.61 -11.15 -36.13
C ILE A 251 10.55 -12.60 -35.66
N PRO A 252 11.65 -13.34 -35.68
CA PRO A 252 11.59 -14.76 -35.35
C PRO A 252 11.28 -15.04 -33.89
N ILE A 253 10.59 -16.18 -33.68
CA ILE A 253 10.37 -16.77 -32.36
C ILE A 253 11.35 -17.92 -32.20
N VAL A 254 12.08 -17.94 -31.09
CA VAL A 254 12.93 -19.05 -30.68
C VAL A 254 12.26 -19.71 -29.48
N ASP A 255 12.14 -21.03 -29.52
CA ASP A 255 11.61 -21.80 -28.42
C ASP A 255 12.73 -22.13 -27.44
N ILE A 256 12.43 -22.08 -26.15
CA ILE A 256 13.48 -22.19 -25.13
C ILE A 256 12.93 -23.06 -23.98
N PRO A 257 13.75 -23.89 -23.33
CA PRO A 257 13.20 -24.84 -22.35
C PRO A 257 12.50 -24.16 -21.18
N GLY A 258 11.58 -24.92 -20.58
CA GLY A 258 10.82 -24.43 -19.44
C GLY A 258 9.60 -23.65 -19.82
N GLY A 259 8.91 -23.18 -18.79
CA GLY A 259 7.69 -22.41 -18.99
C GLY A 259 7.91 -20.93 -18.84
N HIS A 260 6.92 -20.25 -18.24
CA HIS A 260 7.07 -18.83 -17.99
C HIS A 260 8.29 -18.54 -17.12
N LEU A 261 8.62 -19.43 -16.19
CA LEU A 261 9.78 -19.30 -15.32
C LEU A 261 10.94 -20.22 -15.75
N GLY A 262 11.09 -20.41 -17.06
CA GLY A 262 12.02 -21.42 -17.55
C GLY A 262 13.47 -21.15 -17.21
N TYR A 263 13.84 -19.88 -17.03
CA TYR A 263 15.20 -19.55 -16.67
C TYR A 263 15.59 -20.04 -15.29
N ILE A 264 14.64 -20.33 -14.41
CA ILE A 264 14.98 -20.96 -13.13
C ILE A 264 14.55 -22.43 -13.06
N GLN A 265 13.57 -22.85 -13.85
CA GLN A 265 13.16 -24.25 -13.92
C GLN A 265 14.21 -25.11 -14.61
N LYS A 266 14.78 -24.58 -15.70
CA LYS A 266 15.69 -25.35 -16.56
C LYS A 266 16.85 -24.48 -16.99
N PRO A 267 17.66 -24.03 -16.03
CA PRO A 267 18.69 -23.03 -16.38
C PRO A 267 19.76 -23.55 -17.34
N GLU A 268 20.13 -24.83 -17.27
CA GLU A 268 21.12 -25.36 -18.21
C GLU A 268 20.58 -25.28 -19.63
N GLY A 269 19.37 -25.76 -19.86
CA GLY A 269 18.80 -25.73 -21.19
C GLY A 269 18.46 -24.33 -21.68
N PHE A 270 18.02 -23.45 -20.78
CA PHE A 270 17.78 -22.07 -21.11
C PHE A 270 19.08 -21.40 -21.55
N ALA A 271 20.17 -21.61 -20.78
CA ALA A 271 21.47 -21.06 -21.16
C ALA A 271 21.91 -21.58 -22.52
N ASP A 272 21.71 -22.87 -22.77
CA ASP A 272 22.18 -23.45 -24.02
C ASP A 272 21.60 -22.71 -25.22
N VAL A 273 20.32 -22.37 -25.16
CA VAL A 273 19.68 -21.63 -26.25
C VAL A 273 20.22 -20.21 -26.33
N LEU A 274 20.33 -19.51 -25.18
CA LEU A 274 20.88 -18.16 -25.22
C LEU A 274 22.29 -18.15 -25.82
N LEU A 275 23.10 -19.16 -25.51
CA LEU A 275 24.46 -19.21 -26.07
C LEU A 275 24.42 -19.46 -27.58
N ASN A 276 23.49 -20.31 -28.03
CA ASN A 276 23.31 -20.49 -29.47
C ASN A 276 22.92 -19.17 -30.15
N MET A 277 22.12 -18.35 -29.46
CA MET A 277 21.68 -17.08 -30.03
C MET A 277 22.79 -16.06 -30.08
N TRP A 278 23.50 -15.89 -28.98
CA TRP A 278 24.31 -14.71 -28.71
C TRP A 278 25.75 -15.03 -28.35
N GLY A 279 26.06 -16.28 -28.06
CA GLY A 279 27.40 -16.66 -27.62
C GLY A 279 28.35 -16.91 -28.77
N GLY B 3 26.28 -9.32 -1.06
CA GLY B 3 27.23 -8.38 -1.71
C GLY B 3 26.78 -7.99 -3.11
N MET B 4 25.76 -7.14 -3.17
CA MET B 4 25.23 -6.64 -4.43
C MET B 4 25.95 -5.33 -4.79
N GLU B 5 25.96 -5.02 -6.07
CA GLU B 5 26.49 -3.75 -6.55
C GLU B 5 25.41 -2.68 -6.49
N THR B 6 25.83 -1.41 -6.50
CA THR B 6 24.90 -0.28 -6.44
C THR B 6 25.23 0.75 -7.50
N LEU B 7 24.19 1.21 -8.21
CA LEU B 7 24.28 2.40 -9.04
C LEU B 7 23.30 3.43 -8.52
N GLU B 8 23.79 4.61 -8.18
CA GLU B 8 22.94 5.65 -7.60
C GLU B 8 22.39 6.47 -8.75
N LEU B 9 21.06 6.52 -8.84
CA LEU B 9 20.36 7.18 -9.93
C LEU B 9 19.43 8.25 -9.35
N GLN B 10 18.80 9.01 -10.26
CA GLN B 10 17.83 10.00 -9.83
C GLN B 10 16.65 9.30 -9.14
N GLY B 11 16.48 9.60 -7.84
CA GLY B 11 15.38 9.04 -7.08
C GLY B 11 15.53 7.61 -6.59
N ALA B 12 16.66 6.95 -6.82
CA ALA B 12 16.79 5.58 -6.34
C ALA B 12 18.23 5.14 -6.30
N LYS B 13 18.51 4.16 -5.44
CA LYS B 13 19.74 3.39 -5.47
C LYS B 13 19.40 2.03 -6.07
N LEU B 14 19.95 1.74 -7.25
CA LEU B 14 19.63 0.54 -7.98
C LEU B 14 20.66 -0.55 -7.66
N ARG B 15 20.19 -1.67 -7.11
CA ARG B 15 21.07 -2.75 -6.72
C ARG B 15 20.98 -3.89 -7.74
N TYR B 16 22.11 -4.54 -8.01
CA TYR B 16 22.14 -5.61 -8.97
C TYR B 16 23.21 -6.65 -8.60
N HIS B 17 23.00 -7.88 -9.08
CA HIS B 17 23.99 -8.92 -9.01
C HIS B 17 24.86 -8.81 -10.25
N GLN B 18 26.16 -9.04 -10.09
CA GLN B 18 27.05 -9.06 -11.24
C GLN B 18 27.97 -10.26 -11.12
N VAL B 19 27.91 -11.15 -12.10
CA VAL B 19 28.66 -12.39 -12.06
C VAL B 19 29.19 -12.68 -13.46
N GLY B 20 30.45 -13.01 -13.53
CA GLY B 20 31.03 -13.48 -14.76
C GLY B 20 31.92 -12.44 -15.42
N GLN B 21 32.31 -12.78 -16.66
CA GLN B 21 33.20 -12.00 -17.50
C GLN B 21 32.79 -12.15 -18.95
N GLY B 22 33.07 -11.09 -19.72
CA GLY B 22 32.64 -11.03 -21.09
C GLY B 22 31.71 -9.87 -21.34
N PRO B 23 31.08 -9.82 -22.52
CA PRO B 23 30.13 -8.74 -22.79
C PRO B 23 29.00 -8.73 -21.77
N VAL B 24 28.44 -7.54 -21.54
CA VAL B 24 27.40 -7.38 -20.54
C VAL B 24 26.08 -7.95 -21.05
N LEU B 25 25.42 -8.75 -20.22
CA LEU B 25 24.09 -9.28 -20.46
C LEU B 25 23.23 -8.87 -19.25
N ILE B 26 22.26 -7.98 -19.46
CA ILE B 26 21.35 -7.53 -18.41
C ILE B 26 20.07 -8.34 -18.43
N PHE B 27 19.74 -8.95 -17.29
CA PHE B 27 18.46 -9.61 -17.07
C PHE B 27 17.52 -8.72 -16.27
N ILE B 28 16.32 -8.53 -16.81
CA ILE B 28 15.30 -7.67 -16.20
C ILE B 28 14.17 -8.56 -15.68
N PRO B 29 13.93 -8.59 -14.38
CA PRO B 29 12.90 -9.48 -13.82
C PRO B 29 11.48 -8.97 -14.07
N GLY B 30 10.56 -9.92 -14.02
CA GLY B 30 9.13 -9.65 -14.06
C GLY B 30 8.56 -9.36 -12.69
N ALA B 31 7.39 -9.91 -12.39
CA ALA B 31 6.61 -9.44 -11.25
C ALA B 31 7.32 -9.67 -9.93
N ASN B 32 8.22 -10.66 -9.84
CA ASN B 32 8.95 -10.85 -8.58
C ASN B 32 9.87 -9.68 -8.29
N GLY B 33 10.28 -8.94 -9.33
CA GLY B 33 10.99 -7.69 -9.19
C GLY B 33 12.47 -7.77 -8.91
N THR B 34 13.01 -8.95 -8.65
CA THR B 34 14.37 -9.09 -8.13
C THR B 34 15.22 -10.01 -8.98
N GLY B 35 16.51 -9.71 -8.98
CA GLY B 35 17.42 -10.38 -9.88
C GLY B 35 17.87 -11.75 -9.41
N ASP B 36 17.67 -12.08 -8.14
CA ASP B 36 18.09 -13.38 -7.64
C ASP B 36 17.48 -14.54 -8.40
N ILE B 37 16.32 -14.35 -9.04
CA ILE B 37 15.66 -15.43 -9.79
C ILE B 37 16.51 -15.86 -10.98
N PHE B 38 17.45 -15.02 -11.42
CA PHE B 38 18.32 -15.34 -12.56
C PHE B 38 19.67 -15.91 -12.13
N LEU B 39 19.91 -16.09 -10.84
CA LEU B 39 21.27 -16.48 -10.47
C LEU B 39 21.63 -17.90 -10.92
N PRO B 40 20.73 -18.90 -10.87
CA PRO B 40 21.11 -20.21 -11.44
C PRO B 40 21.43 -20.11 -12.92
N LEU B 41 20.70 -19.29 -13.66
CA LEU B 41 21.02 -19.08 -15.07
C LEU B 41 22.36 -18.36 -15.22
N ALA B 42 22.62 -17.36 -14.38
CA ALA B 42 23.90 -16.64 -14.46
C ALA B 42 25.07 -17.59 -14.29
N GLU B 43 24.93 -18.58 -13.40
CA GLU B 43 25.99 -19.56 -13.19
C GLU B 43 26.32 -20.33 -14.46
N GLN B 44 25.34 -20.57 -15.32
CA GLN B 44 25.56 -21.28 -16.57
C GLN B 44 26.16 -20.40 -17.66
N LEU B 45 26.04 -19.08 -17.52
CA LEU B 45 26.45 -18.12 -18.54
C LEU B 45 27.73 -17.38 -18.20
N LYS B 46 28.26 -17.55 -16.98
CA LYS B 46 29.27 -16.63 -16.46
C LYS B 46 30.62 -16.76 -17.15
N ASP B 47 30.86 -17.84 -17.90
CA ASP B 47 32.08 -17.94 -18.68
C ASP B 47 32.00 -17.19 -20.01
N HIS B 48 30.85 -16.70 -20.38
CA HIS B 48 30.65 -16.07 -21.68
C HIS B 48 30.19 -14.63 -21.62
N PHE B 49 29.49 -14.23 -20.53
CA PHE B 49 28.97 -12.89 -20.36
C PHE B 49 29.27 -12.37 -18.96
N THR B 50 29.37 -11.05 -18.83
CA THR B 50 29.22 -10.40 -17.54
C THR B 50 27.72 -10.30 -17.29
N VAL B 51 27.19 -11.21 -16.49
CA VAL B 51 25.75 -11.25 -16.25
C VAL B 51 25.38 -10.26 -15.16
N VAL B 52 24.40 -9.42 -15.45
CA VAL B 52 23.91 -8.39 -14.56
C VAL B 52 22.44 -8.66 -14.34
N ALA B 53 22.06 -8.97 -13.12
CA ALA B 53 20.67 -9.30 -12.78
C ALA B 53 20.14 -8.27 -11.79
N VAL B 54 19.19 -7.46 -12.25
CA VAL B 54 18.80 -6.22 -11.57
C VAL B 54 17.67 -6.49 -10.58
N ASP B 55 17.71 -5.83 -9.41
CA ASP B 55 16.51 -5.57 -8.60
C ASP B 55 15.91 -4.25 -9.11
N ARG B 56 14.77 -4.31 -9.77
CA ARG B 56 14.18 -3.05 -10.23
C ARG B 56 13.90 -2.15 -9.01
N ARG B 57 13.82 -0.83 -9.25
CA ARG B 57 14.07 0.12 -8.16
C ARG B 57 13.04 0.05 -7.03
N ASP B 58 11.83 -0.42 -7.34
CA ASP B 58 10.82 -0.52 -6.31
C ASP B 58 10.86 -1.83 -5.53
N TYR B 59 11.88 -2.68 -5.78
CA TYR B 59 11.91 -4.01 -5.20
C TYR B 59 13.25 -4.43 -4.59
N GLY B 60 13.18 -5.42 -3.70
CA GLY B 60 14.38 -6.12 -3.26
C GLY B 60 15.33 -5.20 -2.50
N GLU B 61 16.62 -5.25 -2.86
CA GLU B 61 17.63 -4.45 -2.18
C GLU B 61 17.80 -3.06 -2.79
N SER B 62 17.14 -2.77 -3.93
CA SER B 62 17.06 -1.40 -4.42
C SER B 62 16.23 -0.58 -3.45
N GLU B 63 16.41 0.74 -3.49
CA GLU B 63 15.63 1.60 -2.59
C GLU B 63 15.35 2.93 -3.27
N LEU B 64 14.11 3.41 -3.08
CA LEU B 64 13.79 4.77 -3.48
C LEU B 64 14.43 5.77 -2.52
N THR B 65 14.88 6.89 -3.06
CA THR B 65 15.39 7.97 -2.24
C THR B 65 14.43 9.16 -2.21
N GLU B 66 13.36 9.09 -3.00
CA GLU B 66 12.28 10.07 -3.07
C GLU B 66 11.00 9.27 -3.26
N PRO B 67 9.87 9.75 -2.76
CA PRO B 67 8.61 9.00 -2.91
C PRO B 67 8.19 8.89 -4.36
N LEU B 68 7.44 7.83 -4.68
CA LEU B 68 6.80 7.76 -5.97
C LEU B 68 5.89 8.97 -6.16
N PRO B 69 5.68 9.43 -7.39
CA PRO B 69 4.64 10.43 -7.61
C PRO B 69 3.27 9.90 -7.20
N ASP B 70 2.40 10.80 -6.73
CA ASP B 70 1.06 10.37 -6.33
C ASP B 70 0.33 9.72 -7.50
N SER B 71 0.62 10.18 -8.71
CA SER B 71 -0.08 9.71 -9.89
C SER B 71 0.30 8.29 -10.29
N ALA B 72 1.31 7.71 -9.64
CA ALA B 72 1.70 6.38 -10.06
C ALA B 72 0.61 5.35 -9.81
N SER B 73 -0.30 5.62 -8.87
N SER B 73 -0.30 5.62 -8.87
CA SER B 73 -1.43 4.72 -8.65
CA SER B 73 -1.42 4.72 -8.66
C SER B 73 -2.48 4.80 -9.76
C SER B 73 -2.34 4.71 -9.87
N ASN B 74 -2.39 5.81 -10.62
CA ASN B 74 -3.31 5.90 -11.74
C ASN B 74 -3.06 4.77 -12.72
N PRO B 75 -4.08 4.04 -13.17
CA PRO B 75 -3.82 2.90 -14.06
C PRO B 75 -3.23 3.31 -15.42
N ASP B 76 -3.34 4.59 -15.79
CA ASP B 76 -2.82 5.10 -17.05
C ASP B 76 -1.46 5.73 -16.93
N SER B 77 -0.84 5.68 -15.74
CA SER B 77 0.47 6.28 -15.54
C SER B 77 1.53 5.49 -16.30
N ASP B 78 2.48 6.19 -16.93
CA ASP B 78 3.64 5.47 -17.43
C ASP B 78 4.95 5.95 -16.80
N TYR B 79 4.88 6.58 -15.64
CA TYR B 79 6.06 7.00 -14.91
C TYR B 79 7.00 5.81 -14.63
N ARG B 80 6.46 4.74 -14.05
CA ARG B 80 7.33 3.68 -13.56
C ARG B 80 8.01 2.91 -14.69
N VAL B 81 7.27 2.56 -15.75
CA VAL B 81 7.89 1.77 -16.82
C VAL B 81 8.97 2.59 -17.52
N LYS B 82 8.74 3.90 -17.71
CA LYS B 82 9.75 4.76 -18.33
C LYS B 82 10.97 4.91 -17.44
N ARG B 83 10.76 5.06 -16.14
CA ARG B 83 11.88 5.16 -15.19
C ARG B 83 12.65 3.85 -15.09
N ASP B 84 11.97 2.71 -15.13
CA ASP B 84 12.65 1.41 -15.14
C ASP B 84 13.53 1.32 -16.39
N ALA B 85 12.99 1.71 -17.55
CA ALA B 85 13.77 1.65 -18.79
C ALA B 85 14.98 2.57 -18.74
N GLN B 86 14.82 3.80 -18.22
CA GLN B 86 15.96 4.68 -18.06
C GLN B 86 16.99 4.08 -17.11
N ASP B 87 16.54 3.39 -16.05
CA ASP B 87 17.49 2.75 -15.14
C ASP B 87 18.38 1.74 -15.88
N ILE B 88 17.78 0.94 -16.76
CA ILE B 88 18.54 -0.07 -17.46
C ILE B 88 19.53 0.59 -18.41
N ALA B 89 19.10 1.66 -19.11
CA ALA B 89 20.01 2.39 -19.99
C ALA B 89 21.18 2.98 -19.24
N GLU B 90 20.93 3.58 -18.06
CA GLU B 90 22.04 4.15 -17.32
C GLU B 90 22.95 3.06 -16.77
N LEU B 91 22.36 1.94 -16.39
CA LEU B 91 23.16 0.80 -15.95
C LEU B 91 24.06 0.31 -17.06
N ALA B 92 23.51 0.17 -18.27
CA ALA B 92 24.34 -0.28 -19.40
C ALA B 92 25.50 0.67 -19.64
N LYS B 93 25.23 1.98 -19.65
CA LYS B 93 26.29 2.94 -19.92
C LYS B 93 27.33 2.95 -18.81
N SER B 94 26.93 2.67 -17.58
CA SER B 94 27.88 2.63 -16.47
C SER B 94 28.80 1.42 -16.51
N LEU B 95 28.39 0.34 -17.17
CA LEU B 95 29.13 -0.92 -17.16
C LEU B 95 29.84 -1.23 -18.46
N SER B 96 29.49 -0.56 -19.56
CA SER B 96 29.95 -0.96 -20.89
C SER B 96 30.07 0.26 -21.79
N ASP B 97 31.14 0.32 -22.58
CA ASP B 97 31.22 1.32 -23.64
C ASP B 97 30.63 0.85 -24.97
N GLU B 98 30.29 -0.44 -25.11
CA GLU B 98 29.55 -0.96 -26.25
C GLU B 98 28.09 -1.17 -25.90
N PRO B 99 27.20 -1.18 -26.89
CA PRO B 99 25.83 -1.63 -26.61
C PRO B 99 25.86 -3.04 -26.04
N VAL B 100 24.83 -3.39 -25.25
CA VAL B 100 24.85 -4.60 -24.43
C VAL B 100 23.72 -5.54 -24.86
N TYR B 101 23.77 -6.75 -24.30
CA TYR B 101 22.70 -7.73 -24.49
C TYR B 101 21.70 -7.59 -23.37
N ILE B 102 20.41 -7.68 -23.69
CA ILE B 102 19.36 -7.53 -22.71
C ILE B 102 18.29 -8.59 -22.89
N LEU B 103 17.85 -9.19 -21.76
CA LEU B 103 16.72 -10.12 -21.79
C LEU B 103 15.78 -9.75 -20.67
N GLY B 104 14.49 -9.61 -20.99
CA GLY B 104 13.46 -9.37 -20.00
C GLY B 104 12.42 -10.45 -20.09
N SER B 105 11.85 -10.80 -18.95
N SER B 105 11.80 -10.74 -18.96
CA SER B 105 10.73 -11.75 -18.92
CA SER B 105 10.74 -11.74 -18.86
C SER B 105 9.52 -11.11 -18.28
C SER B 105 9.50 -11.14 -18.21
N SER B 106 8.32 -11.47 -18.76
CA SER B 106 7.04 -11.03 -18.15
C SER B 106 7.03 -9.50 -18.17
N SER B 107 6.70 -8.81 -17.06
CA SER B 107 6.72 -7.36 -17.15
C SER B 107 8.13 -6.80 -17.37
N GLY B 108 9.17 -7.58 -17.06
CA GLY B 108 10.52 -7.17 -17.41
C GLY B 108 10.77 -7.13 -18.90
N SER B 109 10.05 -7.95 -19.67
N SER B 109 10.04 -7.93 -19.67
CA SER B 109 10.13 -7.84 -21.13
CA SER B 109 10.14 -7.82 -21.12
C SER B 109 9.49 -6.53 -21.63
C SER B 109 9.52 -6.51 -21.62
N ILE B 110 8.50 -6.00 -20.91
CA ILE B 110 7.93 -4.71 -21.26
C ILE B 110 8.92 -3.58 -20.95
N VAL B 111 9.58 -3.66 -19.79
CA VAL B 111 10.67 -2.71 -19.55
C VAL B 111 11.66 -2.77 -20.71
N ALA B 112 12.07 -3.99 -21.12
CA ALA B 112 13.01 -4.14 -22.22
C ALA B 112 12.53 -3.47 -23.51
N MET B 113 11.23 -3.59 -23.80
CA MET B 113 10.69 -2.95 -25.00
C MET B 113 10.84 -1.43 -24.92
N HIS B 114 10.63 -0.83 -23.73
CA HIS B 114 10.84 0.61 -23.57
C HIS B 114 12.31 1.00 -23.61
N VAL B 115 13.21 0.11 -23.19
CA VAL B 115 14.64 0.41 -23.35
C VAL B 115 14.97 0.55 -24.82
N LEU B 116 14.50 -0.40 -25.63
CA LEU B 116 14.78 -0.35 -27.06
C LEU B 116 14.18 0.89 -27.70
N LYS B 117 12.94 1.22 -27.32
CA LYS B 117 12.24 2.36 -27.90
C LYS B 117 12.91 3.68 -27.59
N ASP B 118 13.29 3.89 -26.32
CA ASP B 118 13.78 5.20 -25.88
C ASP B 118 15.30 5.30 -25.86
N TYR B 119 16.01 4.17 -25.75
CA TYR B 119 17.46 4.18 -25.64
C TYR B 119 18.06 3.10 -26.55
N PRO B 120 17.72 3.09 -27.84
CA PRO B 120 18.23 2.04 -28.71
C PRO B 120 19.75 2.00 -28.80
N GLU B 121 20.43 3.10 -28.49
CA GLU B 121 21.88 3.15 -28.58
C GLU B 121 22.57 2.24 -27.56
N VAL B 122 21.87 1.81 -26.50
CA VAL B 122 22.52 0.91 -25.56
C VAL B 122 22.27 -0.56 -25.90
N VAL B 123 21.51 -0.86 -26.95
CA VAL B 123 21.05 -2.22 -27.22
C VAL B 123 21.83 -2.82 -28.38
N LYS B 124 22.60 -3.89 -28.10
CA LYS B 124 23.18 -4.69 -29.17
C LYS B 124 22.18 -5.70 -29.69
N LYS B 125 21.67 -6.54 -28.78
CA LYS B 125 20.63 -7.53 -29.06
C LYS B 125 19.71 -7.58 -27.86
N ILE B 126 18.44 -7.92 -28.12
CA ILE B 126 17.47 -7.95 -27.04
C ILE B 126 16.49 -9.08 -27.25
N ALA B 127 16.06 -9.67 -26.14
CA ALA B 127 15.12 -10.75 -26.15
C ALA B 127 13.95 -10.44 -25.26
N PHE B 128 12.76 -10.73 -25.80
CA PHE B 128 11.50 -10.55 -25.08
C PHE B 128 10.94 -11.95 -24.77
N HIS B 129 11.11 -12.37 -23.51
CA HIS B 129 10.61 -13.66 -23.08
C HIS B 129 9.19 -13.49 -22.53
N GLU B 130 8.23 -14.09 -23.24
CA GLU B 130 6.83 -14.19 -22.81
C GLU B 130 6.29 -12.86 -22.31
N PRO B 131 6.13 -11.88 -23.22
CA PRO B 131 5.60 -10.58 -22.84
C PRO B 131 4.08 -10.61 -22.66
N PRO B 132 3.56 -9.92 -21.63
CA PRO B 132 2.11 -9.85 -21.42
C PRO B 132 1.50 -8.52 -21.85
N ILE B 133 2.20 -7.75 -22.67
CA ILE B 133 1.69 -6.46 -23.14
C ILE B 133 0.52 -6.70 -24.09
N ASN B 134 -0.50 -5.85 -24.01
CA ASN B 134 -1.68 -6.01 -24.85
C ASN B 134 -1.98 -4.81 -25.75
N THR B 135 -1.22 -3.72 -25.66
CA THR B 135 -1.71 -2.44 -26.20
C THR B 135 -1.95 -2.52 -27.69
N PHE B 136 -1.06 -3.17 -28.42
CA PHE B 136 -1.12 -3.25 -29.87
C PHE B 136 -1.86 -4.47 -30.40
N LEU B 137 -2.49 -5.27 -29.53
CA LEU B 137 -3.21 -6.45 -29.99
C LEU B 137 -4.54 -6.07 -30.65
N PRO B 138 -5.04 -6.92 -31.54
CA PRO B 138 -6.37 -6.68 -32.12
C PRO B 138 -7.51 -6.84 -31.11
N ASP B 139 -7.29 -7.55 -30.02
CA ASP B 139 -8.26 -7.72 -28.95
C ASP B 139 -7.76 -7.07 -27.67
N SER B 140 -7.05 -5.95 -27.80
N SER B 140 -7.03 -5.95 -27.82
CA SER B 140 -6.49 -5.27 -26.63
CA SER B 140 -6.50 -5.21 -26.67
C SER B 140 -7.58 -4.91 -25.62
C SER B 140 -7.56 -4.87 -25.64
N THR B 141 -8.76 -4.49 -26.10
CA THR B 141 -9.82 -4.07 -25.17
C THR B 141 -10.19 -5.21 -24.24
N TYR B 142 -10.33 -6.43 -24.78
CA TYR B 142 -10.64 -7.57 -23.93
C TYR B 142 -9.61 -7.74 -22.83
N TRP B 143 -8.31 -7.70 -23.17
CA TRP B 143 -7.29 -8.01 -22.19
C TRP B 143 -7.09 -6.86 -21.21
N LYS B 144 -7.13 -5.62 -21.71
CA LYS B 144 -7.03 -4.46 -20.83
C LYS B 144 -8.18 -4.46 -19.84
N ASP B 145 -9.39 -4.70 -20.32
CA ASP B 145 -10.53 -4.65 -19.42
C ASP B 145 -10.50 -5.80 -18.42
N LYS B 146 -9.95 -6.96 -18.80
CA LYS B 146 -9.80 -8.06 -17.84
C LYS B 146 -8.85 -7.65 -16.72
N ASN B 147 -7.68 -7.11 -17.11
CA ASN B 147 -6.70 -6.69 -16.12
C ASN B 147 -7.31 -5.68 -15.15
N ASP B 148 -8.00 -4.66 -15.70
CA ASP B 148 -8.61 -3.66 -14.85
C ASP B 148 -9.65 -4.27 -13.93
N ASP B 149 -10.41 -5.24 -14.43
CA ASP B 149 -11.46 -5.85 -13.64
C ASP B 149 -10.89 -6.70 -12.50
N ILE B 150 -9.87 -7.52 -12.78
CA ILE B 150 -9.28 -8.33 -11.70
C ILE B 150 -8.65 -7.44 -10.63
N VAL B 151 -7.89 -6.41 -11.04
CA VAL B 151 -7.31 -5.51 -10.05
C VAL B 151 -8.41 -4.85 -9.20
N HIS B 152 -9.42 -4.28 -9.85
CA HIS B 152 -10.53 -3.67 -9.12
C HIS B 152 -11.17 -4.67 -8.15
N GLN B 153 -11.39 -5.91 -8.61
CA GLN B 153 -11.97 -6.96 -7.77
C GLN B 153 -11.15 -7.21 -6.52
N ILE B 154 -9.83 -7.38 -6.68
CA ILE B 154 -8.98 -7.67 -5.52
C ILE B 154 -8.93 -6.47 -4.59
N LEU B 155 -8.64 -5.31 -5.15
CA LEU B 155 -8.71 -4.06 -4.42
C LEU B 155 -10.19 -3.73 -4.27
N THR B 156 -10.52 -2.45 -4.14
CA THR B 156 -11.86 -1.93 -3.92
C THR B 156 -12.95 -2.90 -3.48
N GLU B 157 -13.21 -3.96 -4.25
CA GLU B 157 -14.47 -4.69 -4.05
C GLU B 157 -14.43 -5.62 -2.84
N GLY B 158 -13.34 -6.39 -2.67
CA GLY B 158 -13.24 -7.21 -1.47
C GLY B 158 -13.25 -6.38 -0.19
N LEU B 159 -12.69 -5.18 -0.26
CA LEU B 159 -12.83 -4.24 0.83
C LEU B 159 -14.29 -3.84 1.04
N GLU B 160 -15.04 -3.67 -0.04
CA GLU B 160 -16.43 -3.24 0.08
C GLU B 160 -17.25 -4.26 0.84
N LYS B 161 -17.05 -5.54 0.55
CA LYS B 161 -17.84 -6.59 1.17
C LYS B 161 -17.46 -6.74 2.65
N GLY B 162 -16.17 -6.70 2.95
CA GLY B 162 -15.76 -6.87 4.34
C GLY B 162 -16.25 -5.75 5.23
N MET B 163 -16.25 -4.51 4.71
CA MET B 163 -16.73 -3.40 5.50
C MET B 163 -18.23 -3.51 5.77
N LYS B 164 -18.99 -4.15 4.88
CA LYS B 164 -20.40 -4.36 5.17
C LYS B 164 -20.56 -5.33 6.34
N THR B 165 -19.80 -6.41 6.35
CA THR B 165 -19.81 -7.31 7.50
C THR B 165 -19.37 -6.59 8.77
N PHE B 166 -18.32 -5.79 8.67
CA PHE B 166 -17.85 -5.03 9.82
C PHE B 166 -18.96 -4.18 10.39
N GLY B 167 -19.69 -3.47 9.52
CA GLY B 167 -20.74 -2.60 10.02
C GLY B 167 -21.90 -3.36 10.65
N GLU B 168 -22.22 -4.53 10.11
CA GLU B 168 -23.24 -5.39 10.71
C GLU B 168 -22.76 -5.98 12.03
N THR B 169 -21.50 -6.40 12.10
CA THR B 169 -21.00 -7.02 13.32
C THR B 169 -21.02 -6.03 14.48
N LEU B 170 -20.65 -4.79 14.23
CA LEU B 170 -20.65 -3.74 15.24
C LEU B 170 -21.98 -3.02 15.39
N ASN B 171 -22.99 -3.38 14.58
CA ASN B 171 -24.30 -2.71 14.54
C ASN B 171 -24.16 -1.19 14.41
N ILE B 172 -23.33 -0.78 13.45
CA ILE B 172 -23.18 0.62 13.10
C ILE B 172 -24.48 1.14 12.52
N ALA B 173 -24.85 2.37 12.88
CA ALA B 173 -26.07 2.96 12.39
C ALA B 173 -26.01 3.18 10.89
N PRO B 174 -27.11 2.97 10.17
CA PRO B 174 -27.08 3.18 8.70
C PRO B 174 -26.57 4.55 8.31
N ILE B 175 -27.01 5.59 9.02
CA ILE B 175 -26.57 6.95 8.73
C ILE B 175 -25.05 7.00 8.70
N ASP B 176 -24.40 6.37 9.67
CA ASP B 176 -22.94 6.36 9.74
C ASP B 176 -22.34 5.47 8.66
N ALA B 177 -22.81 4.23 8.55
CA ALA B 177 -22.33 3.36 7.49
C ALA B 177 -22.54 4.01 6.12
N LYS B 178 -23.58 4.81 5.97
CA LYS B 178 -23.80 5.52 4.71
C LYS B 178 -22.71 6.55 4.46
N MET B 179 -22.44 7.41 5.44
CA MET B 179 -21.43 8.45 5.25
C MET B 179 -20.04 7.85 5.11
N MET B 180 -19.71 6.84 5.93
CA MET B 180 -18.40 6.23 5.87
C MET B 180 -18.10 5.60 4.51
N SER B 181 -19.11 5.06 3.85
CA SER B 181 -18.93 4.30 2.62
C SER B 181 -19.18 5.11 1.36
N GLN B 182 -19.62 6.36 1.49
CA GLN B 182 -19.93 7.20 0.33
C GLN B 182 -18.72 7.33 -0.58
N PRO B 183 -18.83 6.94 -1.86
CA PRO B 183 -17.74 7.21 -2.80
C PRO B 183 -17.47 8.70 -2.94
N ALA B 184 -16.19 9.05 -3.07
CA ALA B 184 -15.81 10.39 -3.49
C ALA B 184 -16.28 10.65 -4.92
N ASP B 185 -16.52 11.92 -5.23
CA ASP B 185 -17.08 12.31 -6.53
C ASP B 185 -16.02 12.39 -7.64
N THR B 186 -14.83 11.82 -7.42
CA THR B 186 -13.76 11.79 -8.40
C THR B 186 -13.12 10.40 -8.43
N GLU B 187 -12.75 9.93 -9.62
CA GLU B 187 -11.99 8.69 -9.72
C GLU B 187 -10.77 8.70 -8.79
N GLU B 188 -10.04 9.82 -8.78
CA GLU B 188 -8.80 9.89 -8.02
C GLU B 188 -9.08 9.99 -6.52
N GLY B 189 -10.09 10.77 -6.14
CA GLY B 189 -10.52 10.77 -4.75
C GLY B 189 -10.93 9.39 -4.26
N ARG B 190 -11.50 8.58 -5.15
CA ARG B 190 -11.85 7.22 -4.79
C ARG B 190 -10.60 6.36 -4.62
N ILE B 191 -9.60 6.54 -5.49
CA ILE B 191 -8.33 5.83 -5.30
C ILE B 191 -7.76 6.17 -3.92
N GLU B 192 -7.74 7.45 -3.56
CA GLU B 192 -7.24 7.85 -2.26
C GLU B 192 -8.05 7.24 -1.12
N GLN B 193 -9.38 7.17 -1.28
CA GLN B 193 -10.22 6.70 -0.18
C GLN B 193 -10.04 5.20 0.03
N TYR B 194 -9.91 4.44 -1.06
CA TYR B 194 -9.56 3.04 -0.97
C TYR B 194 -8.20 2.84 -0.29
N LYS B 195 -7.21 3.66 -0.67
CA LYS B 195 -5.88 3.54 -0.06
C LYS B 195 -5.93 3.76 1.46
N ARG B 196 -6.70 4.76 1.89
CA ARG B 196 -6.84 5.06 3.30
C ARG B 196 -7.53 3.92 4.05
N THR B 197 -8.58 3.34 3.47
CA THR B 197 -9.24 2.22 4.13
C THR B 197 -8.31 1.03 4.21
N MET B 198 -7.59 0.76 3.12
CA MET B 198 -6.64 -0.34 3.08
C MET B 198 -5.54 -0.14 4.14
N PHE B 199 -5.09 1.11 4.31
CA PHE B 199 -4.09 1.39 5.34
C PHE B 199 -4.64 1.14 6.73
N TRP B 200 -5.82 1.65 7.01
CA TRP B 200 -6.44 1.47 8.32
C TRP B 200 -6.65 -0.01 8.61
N LEU B 201 -7.09 -0.76 7.58
CA LEU B 201 -7.31 -2.20 7.76
C LEU B 201 -6.02 -2.91 8.16
N GLU B 202 -4.91 -2.61 7.50
CA GLU B 202 -3.71 -3.40 7.72
C GLU B 202 -2.93 -2.87 8.91
N PHE B 203 -2.96 -1.55 9.15
CA PHE B 203 -2.03 -0.93 10.08
C PHE B 203 -2.67 -0.32 11.31
N GLU B 204 -4.01 -0.25 11.38
CA GLU B 204 -4.67 0.41 12.50
C GLU B 204 -5.68 -0.42 13.26
N ILE B 205 -6.65 -1.05 12.61
CA ILE B 205 -7.78 -1.59 13.36
C ILE B 205 -7.32 -2.62 14.40
N ARG B 206 -6.53 -3.63 13.99
CA ARG B 206 -6.14 -4.67 14.94
C ARG B 206 -5.22 -4.09 16.02
N GLN B 207 -4.24 -3.32 15.60
CA GLN B 207 -3.21 -2.81 16.51
C GLN B 207 -3.80 -1.88 17.54
N TYR B 208 -4.77 -1.05 17.15
CA TYR B 208 -5.29 -0.06 18.09
C TYR B 208 -6.38 -0.66 18.97
N THR B 209 -7.32 -1.43 18.37
CA THR B 209 -8.45 -1.95 19.17
C THR B 209 -8.02 -3.02 20.16
N HIS B 210 -6.85 -3.64 20.01
CA HIS B 210 -6.38 -4.58 21.02
C HIS B 210 -5.10 -4.07 21.70
N SER B 211 -4.96 -2.74 21.82
CA SER B 211 -3.77 -2.16 22.43
C SER B 211 -3.90 -2.16 23.96
N ASN B 212 -2.79 -1.85 24.64
CA ASN B 212 -2.64 -2.10 26.08
C ASN B 212 -3.20 -0.96 26.91
N ILE B 213 -4.52 -0.97 27.08
CA ILE B 213 -5.27 -0.07 27.94
C ILE B 213 -6.07 -0.94 28.90
N THR B 214 -6.00 -0.61 30.20
CA THR B 214 -6.77 -1.33 31.21
C THR B 214 -7.71 -0.37 31.90
N LEU B 215 -8.71 -0.93 32.57
CA LEU B 215 -9.61 -0.08 33.36
C LEU B 215 -8.85 0.70 34.43
N ASP B 216 -7.76 0.13 34.94
CA ASP B 216 -6.94 0.83 35.93
C ASP B 216 -6.39 2.13 35.36
N ASP B 217 -6.09 2.16 34.05
CA ASP B 217 -5.59 3.38 33.43
C ASP B 217 -6.64 4.48 33.48
N PHE B 218 -7.92 4.13 33.44
CA PHE B 218 -8.97 5.12 33.51
C PHE B 218 -9.21 5.57 34.96
N THR B 219 -9.29 4.61 35.89
CA THR B 219 -9.59 4.96 37.28
C THR B 219 -8.55 5.87 37.88
N LYS B 220 -7.27 5.74 37.46
CA LYS B 220 -6.26 6.62 38.03
C LYS B 220 -6.57 8.08 37.77
N TYR B 221 -7.22 8.38 36.63
CA TYR B 221 -7.51 9.76 36.26
C TYR B 221 -8.98 9.97 35.99
N SER B 222 -9.86 9.36 36.78
CA SER B 222 -11.28 9.37 36.43
C SER B 222 -11.85 10.78 36.45
N ASP B 223 -11.28 11.66 37.27
CA ASP B 223 -11.79 13.02 37.35
C ASP B 223 -11.65 13.78 36.03
N LYS B 224 -10.73 13.36 35.17
CA LYS B 224 -10.48 14.07 33.94
C LYS B 224 -11.32 13.60 32.78
N ILE B 225 -12.04 12.49 32.89
CA ILE B 225 -12.56 11.75 31.75
C ILE B 225 -14.09 11.90 31.62
N THR B 226 -14.54 12.14 30.38
CA THR B 226 -15.94 12.04 29.98
C THR B 226 -16.03 11.03 28.85
N LEU B 227 -17.00 10.13 28.90
CA LEU B 227 -17.35 9.22 27.81
C LEU B 227 -18.52 9.82 27.04
N LEU B 228 -18.43 9.80 25.71
CA LEU B 228 -19.47 10.39 24.87
C LEU B 228 -20.13 9.33 23.99
N ASN B 229 -21.46 9.29 24.05
CA ASN B 229 -22.29 8.41 23.23
C ASN B 229 -23.18 9.29 22.34
N GLY B 230 -23.20 9.01 21.04
CA GLY B 230 -24.12 9.71 20.15
C GLY B 230 -25.57 9.30 20.35
N THR B 231 -26.48 10.27 20.16
CA THR B 231 -27.90 9.96 20.26
C THR B 231 -28.42 9.23 19.03
N ASP B 232 -27.69 9.25 17.91
CA ASP B 232 -28.15 8.63 16.67
C ASP B 232 -27.46 7.31 16.39
N SER B 233 -26.64 6.81 17.31
CA SER B 233 -25.90 5.58 17.12
C SER B 233 -26.16 4.59 18.25
N ARG B 234 -27.35 4.63 18.83
CA ARG B 234 -27.69 3.67 19.88
C ARG B 234 -27.63 2.25 19.35
N GLY B 235 -27.23 1.33 20.22
CA GLY B 235 -27.13 -0.08 19.88
C GLY B 235 -25.82 -0.49 19.24
N SER B 236 -24.92 0.45 18.97
CA SER B 236 -23.68 0.10 18.30
C SER B 236 -22.62 -0.31 19.33
N PHE B 237 -21.61 -1.05 18.85
CA PHE B 237 -20.61 -1.60 19.75
C PHE B 237 -19.85 -0.53 20.54
N PRO B 238 -19.45 0.60 19.96
CA PRO B 238 -18.71 1.59 20.76
C PRO B 238 -19.49 2.10 21.95
N GLN B 239 -20.81 2.13 21.85
CA GLN B 239 -21.59 2.53 23.01
C GLN B 239 -21.55 1.48 24.11
N ASP B 240 -21.52 0.20 23.73
CA ASP B 240 -21.37 -0.87 24.72
C ASP B 240 -20.04 -0.79 25.43
N VAL B 241 -18.99 -0.36 24.73
CA VAL B 241 -17.69 -0.17 25.38
C VAL B 241 -17.81 0.92 26.45
N ASN B 242 -18.41 2.07 26.09
CA ASN B 242 -18.62 3.13 27.08
C ASN B 242 -19.48 2.66 28.26
N PHE B 243 -20.54 1.89 27.99
CA PHE B 243 -21.37 1.40 29.08
C PHE B 243 -20.57 0.52 30.04
N TYR B 244 -19.67 -0.32 29.49
CA TYR B 244 -18.83 -1.16 30.35
C TYR B 244 -17.88 -0.32 31.21
N ILE B 245 -17.22 0.66 30.58
CA ILE B 245 -16.30 1.51 31.34
C ILE B 245 -17.06 2.21 32.48
N ASN B 246 -18.23 2.78 32.18
CA ASN B 246 -19.04 3.44 33.18
C ASN B 246 -19.47 2.47 34.29
N LYS B 247 -19.92 1.27 33.92
CA LYS B 247 -20.35 0.29 34.92
C LYS B 247 -19.24 0.00 35.93
N GLU B 248 -18.01 -0.14 35.43
CA GLU B 248 -16.92 -0.61 36.26
C GLU B 248 -16.17 0.50 36.98
N THR B 249 -16.23 1.73 36.46
CA THR B 249 -15.44 2.84 37.00
C THR B 249 -16.25 4.02 37.52
N GLY B 250 -17.53 4.13 37.15
CA GLY B 250 -18.32 5.29 37.50
C GLY B 250 -18.05 6.53 36.66
N ILE B 251 -17.13 6.46 35.72
CA ILE B 251 -16.85 7.61 34.85
C ILE B 251 -18.11 7.94 34.07
N PRO B 252 -18.51 9.22 34.01
CA PRO B 252 -19.82 9.56 33.45
C PRO B 252 -19.86 9.44 31.93
N ILE B 253 -21.05 9.05 31.45
CA ILE B 253 -21.40 9.13 30.04
C ILE B 253 -22.26 10.38 29.83
N VAL B 254 -21.89 11.15 28.82
CA VAL B 254 -22.68 12.28 28.35
C VAL B 254 -23.19 11.94 26.96
N ASP B 255 -24.49 12.15 26.73
CA ASP B 255 -25.07 11.94 25.42
C ASP B 255 -24.90 13.21 24.59
N ILE B 256 -24.58 13.02 23.31
CA ILE B 256 -24.25 14.15 22.46
C ILE B 256 -24.87 13.95 21.08
N PRO B 257 -25.33 15.03 20.46
CA PRO B 257 -26.08 14.88 19.19
C PRO B 257 -25.26 14.19 18.09
N GLY B 258 -26.00 13.60 17.15
CA GLY B 258 -25.41 12.91 16.02
C GLY B 258 -25.12 11.45 16.32
N GLY B 259 -24.55 10.79 15.33
CA GLY B 259 -24.12 9.42 15.50
C GLY B 259 -22.63 9.31 15.68
N HIS B 260 -22.05 8.25 15.10
CA HIS B 260 -20.62 8.03 15.21
C HIS B 260 -19.84 9.20 14.66
N LEU B 261 -20.36 9.89 13.65
CA LEU B 261 -19.75 11.10 13.10
C LEU B 261 -20.49 12.37 13.50
N GLY B 262 -20.97 12.42 14.75
CA GLY B 262 -21.87 13.49 15.16
C GLY B 262 -21.25 14.88 15.12
N TYR B 263 -19.93 14.97 15.26
CA TYR B 263 -19.24 16.27 15.26
C TYR B 263 -19.28 16.95 13.91
N ILE B 264 -19.52 16.22 12.82
CA ILE B 264 -19.72 16.80 11.51
C ILE B 264 -21.18 16.75 11.07
N GLN B 265 -21.95 15.78 11.57
CA GLN B 265 -23.38 15.68 11.25
C GLN B 265 -24.17 16.80 11.94
N LYS B 266 -23.82 17.11 13.19
CA LYS B 266 -24.57 18.07 13.99
C LYS B 266 -23.61 18.94 14.80
N PRO B 267 -22.84 19.78 14.11
CA PRO B 267 -21.75 20.51 14.80
C PRO B 267 -22.26 21.49 15.84
N GLU B 268 -23.41 22.13 15.62
CA GLU B 268 -23.91 23.10 16.59
C GLU B 268 -24.35 22.39 17.86
N GLY B 269 -25.06 21.28 17.74
CA GLY B 269 -25.48 20.56 18.93
C GLY B 269 -24.33 19.88 19.65
N PHE B 270 -23.39 19.37 18.89
CA PHE B 270 -22.19 18.76 19.49
C PHE B 270 -21.43 19.81 20.30
N ALA B 271 -21.23 21.00 19.72
CA ALA B 271 -20.51 22.05 20.43
C ALA B 271 -21.23 22.47 21.71
N ASP B 272 -22.56 22.53 21.66
CA ASP B 272 -23.33 22.96 22.83
C ASP B 272 -23.05 22.03 24.01
N VAL B 273 -23.00 20.73 23.78
CA VAL B 273 -22.68 19.80 24.86
C VAL B 273 -21.25 20.00 25.35
N LEU B 274 -20.29 20.11 24.42
CA LEU B 274 -18.90 20.31 24.86
C LEU B 274 -18.77 21.58 25.69
N LEU B 275 -19.50 22.65 25.30
CA LEU B 275 -19.45 23.88 26.07
C LEU B 275 -20.09 23.69 27.44
N ASN B 276 -21.15 22.90 27.52
CA ASN B 276 -21.75 22.60 28.82
C ASN B 276 -20.77 21.84 29.70
N MET B 277 -20.01 20.91 29.11
CA MET B 277 -19.05 20.12 29.86
C MET B 277 -17.87 20.95 30.33
N TRP B 278 -17.33 21.77 29.43
CA TRP B 278 -15.97 22.31 29.57
C TRP B 278 -15.91 23.81 29.48
N GLY B 279 -17.00 24.47 29.11
CA GLY B 279 -16.99 25.92 28.95
C GLY B 279 -17.37 26.64 30.22
O1 A1BA1 C . -14.74 0.76 15.09
C1 A1BA1 C . -13.46 0.17 14.92
C2 A1BA1 C . -14.99 1.98 14.43
C3 A1BA1 C . -13.84 5.08 13.70
C4 A1BA1 C . -14.24 3.80 11.52
C5 A1BA1 C . -14.00 2.49 10.78
C6 A1BA1 C . -14.15 2.42 9.46
C7 A1BA1 C . -14.54 3.65 8.65
C8 A1BA1 C . -14.73 4.79 9.27
C9 A1BA1 C . -14.57 4.87 10.80
O2 A1BA1 C . -16.08 2.46 14.47
N1 A1BA1 C . -13.91 2.62 13.72
N2 A1BA1 C . -14.05 3.84 12.98
O3 A1BA1 C . -13.90 6.13 13.15
H3 A1BA1 C . -12.74 0.69 15.54
H1 A1BA1 C . -13.17 0.23 13.88
H2 A1BA1 C . -13.51 -0.88 15.23
H6 A1BA1 C . -13.72 1.60 11.34
H7 A1BA1 C . -14.00 1.47 8.96
H8 A1BA1 C . -14.66 3.59 7.58
H9 A1BA1 C . -14.99 5.68 8.71
H10 A1BA1 C . -14.72 5.82 11.30
H4 A1BA1 C . -13.01 2.20 13.75
MG MG D . 25.59 -24.09 -28.61
MG MG E . -20.78 -8.31 24.10
O1 A1BA1 F . 1.28 -11.40 -17.39
C1 A1BA1 F . 0.96 -10.13 -16.87
C2 A1BA1 F . 2.33 -12.10 -16.76
C3 A1BA1 F . 5.39 -11.94 -15.10
C4 A1BA1 F . 3.45 -12.52 -13.51
C5 A1BA1 F . 2.00 -12.25 -13.15
C6 A1BA1 F . 1.48 -12.68 -12.03
C7 A1BA1 F . 2.33 -13.47 -11.05
C8 A1BA1 F . 3.59 -13.71 -11.34
C9 A1BA1 F . 4.19 -13.21 -12.66
O2 A1BA1 F . 2.57 -13.22 -17.07
N1 A1BA1 F . 3.06 -11.41 -15.71
N2 A1BA1 F . 3.97 -12.00 -14.78
O3 A1BA1 F . 6.22 -12.36 -14.35
H3 A1BA1 F . -0.03 -9.83 -17.22
H1 A1BA1 F . 1.69 -9.40 -17.22
H2 A1BA1 F . 0.98 -10.16 -15.79
H6 A1BA1 F . 1.38 -11.68 -13.83
H7 A1BA1 F . 0.44 -12.48 -11.79
H8 A1BA1 F . 1.91 -13.85 -10.12
H9 A1BA1 F . 4.22 -14.27 -10.65
H10 A1BA1 F . 5.24 -13.39 -12.89
H4 A1BA1 F . 2.93 -10.42 -15.65
MG MG G . -16.09 -0.22 -7.96
MG MG H . -14.50 -2.96 -16.46
#